data_6TSL
#
_entry.id   6TSL
#
_cell.length_a   121.918
_cell.length_b   121.918
_cell.length_c   99.890
_cell.angle_alpha   90.000
_cell.angle_beta   90.000
_cell.angle_gamma   120.000
#
_symmetry.space_group_name_H-M   'P 63 2 2'
#
loop_
_entity.id
_entity.type
_entity.pdbx_description
1 polymer Agglutinin
2 polymer PRO-VAL-PRO-ARG
3 branched alpha-L-fucopyranose-(1-2)-[alpha-D-galactopyranose-(1-3)]beta-D-galactopyranose
4 branched alpha-L-fucopyranose-(1-2)-[alpha-D-galactopyranose-(1-3)]alpha-D-galactopyranose
5 non-polymer 'CALCIUM ION'
6 non-polymer 1,2-ETHANEDIOL
7 non-polymer 'SODIUM ION'
8 water water
#
loop_
_entity_poly.entity_id
_entity_poly.type
_entity_poly.pdbx_seq_one_letter_code
_entity_poly.pdbx_strand_id
1 'polypeptide(L)'
;MSLRRGIYHIENAGVPSAIDLKDGSSSDGTPIVGWQFTPDTINWHQLWLAEPIPNVADTFTLCNLFSGTYMDLYNGSSEA
GTAVNGWQGTAFTTNPHQLWTIKKSSDGTSYKIQNYGSKTFVDLVNGDSSDGAKIAGWTGTWDEGNPHQKWYFNRMSVSS
AEAQAAIARNPHIHGTYRGYILDGEYLVLPNATFTQIWKDSGLPGSKWREQIYDADDFAIAMKAAVGKWGADSWKANGFA
IFCGVMLGVNKAGDAAHAYNFTLTKDHADIVFFEPQNGGYLNDIGYDSYMAFY
;
AAA
2 'polypeptide(L)' PVPR BBB
#
loop_
_chem_comp.id
_chem_comp.type
_chem_comp.name
_chem_comp.formula
CA non-polymer 'CALCIUM ION' 'Ca 2'
EDO non-polymer 1,2-ETHANEDIOL 'C2 H6 O2'
FUC L-saccharide, alpha linking alpha-L-fucopyranose 'C6 H12 O5'
GAL D-saccharide, beta linking beta-D-galactopyranose 'C6 H12 O6'
GLA D-saccharide, alpha linking alpha-D-galactopyranose 'C6 H12 O6'
NA non-polymer 'SODIUM ION' 'Na 1'
#
# COMPACT_ATOMS: atom_id res chain seq x y z
N SER A 2 -13.51 4.82 11.66
CA SER A 2 -13.79 4.41 10.27
C SER A 2 -12.48 3.95 9.61
N LEU A 3 -12.55 2.87 8.83
CA LEU A 3 -11.44 2.47 7.92
C LEU A 3 -11.24 3.59 6.89
N ARG A 4 -10.01 4.00 6.69
CA ARG A 4 -9.66 5.05 5.71
CA ARG A 4 -9.66 5.05 5.71
C ARG A 4 -9.39 4.39 4.35
N ARG A 5 -9.70 5.10 3.27
CA ARG A 5 -9.22 4.74 1.92
C ARG A 5 -7.77 4.30 2.01
N GLY A 6 -7.42 3.22 1.35
CA GLY A 6 -6.03 2.83 1.27
C GLY A 6 -5.84 1.40 0.90
N ILE A 7 -4.61 0.97 0.89
CA ILE A 7 -4.20 -0.40 0.51
C ILE A 7 -3.95 -1.18 1.80
N TYR A 8 -4.50 -2.38 1.90
CA TYR A 8 -4.42 -3.19 3.15
C TYR A 8 -3.97 -4.61 2.86
N HIS A 9 -3.17 -5.14 3.75
CA HIS A 9 -2.88 -6.57 3.90
C HIS A 9 -3.76 -7.12 5.02
N ILE A 10 -4.73 -7.95 4.66
CA ILE A 10 -5.84 -8.29 5.58
C ILE A 10 -5.56 -9.67 6.22
N GLU A 11 -5.24 -9.68 7.50
CA GLU A 11 -4.65 -10.83 8.19
C GLU A 11 -5.65 -11.38 9.23
N ASN A 12 -5.91 -12.67 9.22
CA ASN A 12 -6.91 -13.26 10.15
C ASN A 12 -6.43 -13.05 11.59
N ALA A 13 -7.37 -12.86 12.53
CA ALA A 13 -7.02 -12.53 13.94
C ALA A 13 -6.63 -13.81 14.71
N GLY A 14 -7.04 -14.97 14.21
CA GLY A 14 -6.86 -16.27 14.91
C GLY A 14 -5.59 -16.98 14.48
N VAL A 15 -5.30 -16.97 13.18
CA VAL A 15 -4.14 -17.70 12.58
C VAL A 15 -3.47 -16.76 11.57
N PRO A 16 -2.15 -16.94 11.33
CA PRO A 16 -1.39 -16.02 10.47
C PRO A 16 -1.61 -16.32 8.97
N SER A 17 -2.87 -16.20 8.54
CA SER A 17 -3.29 -16.33 7.14
C SER A 17 -3.84 -15.00 6.66
N ALA A 18 -3.45 -14.58 5.48
CA ALA A 18 -3.95 -13.36 4.85
C ALA A 18 -5.00 -13.72 3.80
N ILE A 19 -5.81 -12.75 3.43
CA ILE A 19 -6.80 -12.88 2.35
C ILE A 19 -6.07 -12.80 0.99
N ASP A 20 -6.13 -13.87 0.23
CA ASP A 20 -5.25 -14.11 -0.93
C ASP A 20 -6.14 -14.41 -2.15
N LEU A 21 -5.97 -13.67 -3.24
CA LEU A 21 -6.64 -14.03 -4.52
C LEU A 21 -5.80 -15.11 -5.21
N LYS A 22 -6.32 -16.32 -5.33
CA LYS A 22 -5.47 -17.48 -5.63
C LYS A 22 -4.74 -17.27 -6.99
N ASP A 23 -3.43 -17.41 -6.97
CA ASP A 23 -2.54 -17.26 -8.16
C ASP A 23 -2.66 -15.84 -8.76
N GLY A 24 -3.28 -14.92 -8.04
CA GLY A 24 -3.46 -13.54 -8.53
C GLY A 24 -4.32 -13.47 -9.80
N SER A 25 -5.06 -14.53 -10.10
CA SER A 25 -5.77 -14.66 -11.42
C SER A 25 -6.86 -13.57 -11.53
N SER A 26 -7.02 -13.02 -12.74
CA SER A 26 -8.06 -12.02 -13.06
CA SER A 26 -8.07 -12.02 -13.04
C SER A 26 -9.36 -12.72 -13.54
N SER A 27 -9.32 -14.06 -13.68
CA SER A 27 -10.54 -14.81 -14.14
C SER A 27 -11.70 -14.52 -13.16
N ASP A 28 -12.90 -14.33 -13.68
CA ASP A 28 -14.11 -14.24 -12.83
C ASP A 28 -14.28 -15.56 -12.09
N GLY A 29 -14.48 -15.50 -10.79
CA GLY A 29 -14.73 -16.68 -9.95
C GLY A 29 -13.45 -17.32 -9.46
N THR A 30 -12.34 -16.60 -9.52
CA THR A 30 -11.08 -17.03 -8.88
C THR A 30 -11.28 -17.05 -7.36
N PRO A 31 -11.05 -18.19 -6.69
CA PRO A 31 -11.27 -18.27 -5.24
C PRO A 31 -10.42 -17.25 -4.49
N ILE A 32 -10.97 -16.71 -3.44
CA ILE A 32 -10.20 -15.95 -2.43
C ILE A 32 -10.05 -16.83 -1.17
N VAL A 33 -8.81 -17.05 -0.77
CA VAL A 33 -8.43 -18.14 0.18
C VAL A 33 -7.54 -17.55 1.28
N GLY A 34 -7.38 -18.28 2.36
CA GLY A 34 -6.34 -17.98 3.33
C GLY A 34 -4.99 -18.50 2.88
N TRP A 35 -3.93 -17.76 3.13
CA TRP A 35 -2.56 -18.13 2.69
C TRP A 35 -1.55 -17.48 3.61
N GLN A 36 -0.45 -18.13 3.87
CA GLN A 36 0.60 -17.58 4.74
C GLN A 36 1.32 -16.43 4.01
N PHE A 37 2.08 -15.65 4.74
CA PHE A 37 2.66 -14.41 4.19
C PHE A 37 4.01 -14.16 4.83
N THR A 38 4.81 -13.35 4.18
CA THR A 38 6.12 -12.91 4.68
C THR A 38 6.06 -11.43 4.99
N PRO A 39 6.15 -11.03 6.26
N PRO A 39 6.23 -11.03 6.25
CA PRO A 39 6.23 -9.61 6.61
CA PRO A 39 6.21 -9.61 6.61
C PRO A 39 7.41 -8.89 5.91
C PRO A 39 7.45 -8.86 6.05
N ASP A 40 7.27 -7.60 5.66
CA ASP A 40 8.35 -6.74 5.09
C ASP A 40 8.73 -7.24 3.70
N THR A 41 7.74 -7.77 2.96
CA THR A 41 7.81 -8.02 1.51
C THR A 41 6.60 -7.42 0.86
N ILE A 42 6.59 -7.39 -0.45
CA ILE A 42 5.35 -7.30 -1.24
C ILE A 42 4.71 -8.69 -1.30
N ASN A 43 3.57 -8.86 -0.67
CA ASN A 43 2.76 -10.10 -0.80
C ASN A 43 1.82 -9.95 -1.99
N TRP A 44 2.27 -10.39 -3.17
CA TRP A 44 1.79 -9.93 -4.49
C TRP A 44 0.28 -10.16 -4.63
N HIS A 45 -0.25 -11.24 -4.05
CA HIS A 45 -1.66 -11.65 -4.31
C HIS A 45 -2.56 -11.24 -3.14
N GLN A 46 -2.04 -10.46 -2.20
CA GLN A 46 -2.67 -10.30 -0.85
C GLN A 46 -2.87 -8.80 -0.52
N LEU A 47 -2.81 -7.91 -1.53
CA LEU A 47 -3.00 -6.45 -1.25
C LEU A 47 -4.34 -6.01 -1.82
N TRP A 48 -5.09 -5.27 -1.02
CA TRP A 48 -6.48 -4.90 -1.33
C TRP A 48 -6.64 -3.39 -1.22
N LEU A 49 -7.12 -2.75 -2.28
CA LEU A 49 -7.43 -1.30 -2.27
C LEU A 49 -8.88 -1.11 -1.81
N ALA A 50 -9.08 -0.51 -0.64
CA ALA A 50 -10.41 -0.22 -0.10
C ALA A 50 -10.85 1.17 -0.57
N GLU A 51 -11.91 1.22 -1.37
CA GLU A 51 -12.49 2.49 -1.89
CA GLU A 51 -12.50 2.49 -1.89
C GLU A 51 -13.82 2.75 -1.17
N PRO A 52 -13.93 3.86 -0.39
CA PRO A 52 -15.20 4.17 0.28
C PRO A 52 -16.28 4.58 -0.71
N ILE A 53 -17.50 4.07 -0.49
CA ILE A 53 -18.69 4.40 -1.30
C ILE A 53 -19.32 5.67 -0.74
N PRO A 54 -19.52 6.71 -1.58
CA PRO A 54 -20.18 7.93 -1.11
C PRO A 54 -21.63 7.66 -0.71
N ASN A 55 -22.02 8.16 0.46
CA ASN A 55 -23.44 8.17 0.90
C ASN A 55 -23.85 6.78 1.39
N VAL A 56 -22.87 5.89 1.62
CA VAL A 56 -23.11 4.60 2.32
C VAL A 56 -22.04 4.42 3.41
N ALA A 57 -22.45 4.53 4.67
CA ALA A 57 -21.55 4.58 5.82
C ALA A 57 -20.70 3.31 5.86
N ASP A 58 -19.38 3.47 6.01
CA ASP A 58 -18.43 2.39 6.39
C ASP A 58 -18.51 1.25 5.37
N THR A 59 -18.77 1.58 4.12
CA THR A 59 -18.95 0.56 3.07
C THR A 59 -18.01 0.86 1.88
N PHE A 60 -17.39 -0.20 1.35
CA PHE A 60 -16.21 -0.13 0.45
C PHE A 60 -16.36 -1.15 -0.67
N THR A 61 -15.68 -0.92 -1.77
CA THR A 61 -15.20 -2.02 -2.64
C THR A 61 -13.81 -2.42 -2.21
N LEU A 62 -13.46 -3.68 -2.40
CA LEU A 62 -12.09 -4.20 -2.12
C LEU A 62 -11.50 -4.76 -3.40
N CYS A 63 -10.57 -4.02 -3.99
CA CYS A 63 -9.99 -4.36 -5.30
C CYS A 63 -8.60 -4.99 -5.08
N ASN A 64 -8.37 -6.17 -5.61
CA ASN A 64 -7.03 -6.80 -5.51
C ASN A 64 -6.02 -5.98 -6.36
N LEU A 65 -4.96 -5.54 -5.74
CA LEU A 65 -4.00 -4.59 -6.38
C LEU A 65 -3.42 -5.26 -7.63
N PHE A 66 -3.15 -6.56 -7.57
CA PHE A 66 -2.44 -7.28 -8.65
C PHE A 66 -3.42 -7.54 -9.83
N SER A 67 -4.61 -8.07 -9.54
CA SER A 67 -5.56 -8.56 -10.59
C SER A 67 -6.39 -7.41 -11.14
N GLY A 68 -6.69 -6.42 -10.30
CA GLY A 68 -7.66 -5.37 -10.62
C GLY A 68 -9.12 -5.88 -10.51
N THR A 69 -9.33 -7.11 -9.99
CA THR A 69 -10.71 -7.66 -9.79
C THR A 69 -11.11 -7.53 -8.32
N TYR A 70 -12.39 -7.67 -8.04
CA TYR A 70 -13.01 -7.21 -6.79
C TYR A 70 -13.47 -8.41 -5.97
N MET A 71 -13.38 -8.29 -4.66
CA MET A 71 -13.93 -9.31 -3.76
C MET A 71 -15.46 -9.38 -3.94
N ASP A 72 -15.98 -10.56 -4.23
CA ASP A 72 -17.35 -10.76 -4.74
C ASP A 72 -17.97 -11.96 -4.01
N LEU A 73 -19.12 -11.74 -3.38
CA LEU A 73 -19.90 -12.83 -2.74
C LEU A 73 -20.77 -13.48 -3.80
N TYR A 74 -20.53 -14.74 -4.09
CA TYR A 74 -21.06 -15.43 -5.28
C TYR A 74 -22.62 -15.35 -5.26
N ASN A 75 -23.18 -14.64 -6.24
CA ASN A 75 -24.65 -14.49 -6.44
C ASN A 75 -25.28 -13.84 -5.19
N GLY A 76 -24.47 -13.25 -4.32
CA GLY A 76 -24.94 -12.45 -3.17
C GLY A 76 -25.74 -13.31 -2.17
N SER A 77 -25.52 -14.61 -2.17
CA SER A 77 -26.28 -15.55 -1.31
C SER A 77 -25.98 -15.27 0.17
N SER A 78 -26.97 -15.40 1.01
CA SER A 78 -26.83 -15.27 2.48
C SER A 78 -26.61 -16.66 3.12
N GLU A 79 -26.50 -17.69 2.32
CA GLU A 79 -26.21 -19.08 2.81
CA GLU A 79 -26.24 -19.06 2.84
C GLU A 79 -24.80 -19.11 3.41
N ALA A 80 -24.65 -19.68 4.58
CA ALA A 80 -23.33 -19.96 5.17
C ALA A 80 -22.55 -20.89 4.23
N GLY A 81 -21.31 -20.52 3.91
CA GLY A 81 -20.44 -21.33 3.03
C GLY A 81 -20.44 -20.82 1.60
N THR A 82 -21.07 -19.68 1.36
CA THR A 82 -21.13 -19.07 0.00
C THR A 82 -19.71 -18.63 -0.42
N ALA A 83 -19.31 -18.95 -1.66
CA ALA A 83 -17.96 -18.65 -2.18
C ALA A 83 -17.69 -17.14 -2.17
N VAL A 84 -16.50 -16.74 -1.76
CA VAL A 84 -15.97 -15.37 -1.96
C VAL A 84 -14.85 -15.45 -3.00
N ASN A 85 -15.01 -14.72 -4.11
CA ASN A 85 -14.17 -14.87 -5.32
C ASN A 85 -13.72 -13.49 -5.78
N GLY A 86 -12.73 -13.45 -6.64
CA GLY A 86 -12.43 -12.29 -7.48
C GLY A 86 -13.37 -12.21 -8.65
N TRP A 87 -13.85 -11.02 -8.96
CA TRP A 87 -14.81 -10.81 -10.07
C TRP A 87 -14.59 -9.42 -10.67
N GLN A 88 -14.72 -9.29 -11.98
CA GLN A 88 -14.62 -7.97 -12.64
C GLN A 88 -15.68 -7.03 -12.03
N GLY A 89 -15.31 -5.76 -11.84
CA GLY A 89 -16.22 -4.73 -11.31
C GLY A 89 -15.66 -3.34 -11.50
N THR A 90 -16.12 -2.39 -10.69
CA THR A 90 -15.62 -1.00 -10.71
C THR A 90 -15.57 -0.47 -9.28
N ALA A 91 -14.86 0.63 -9.08
CA ALA A 91 -14.48 1.12 -7.73
C ALA A 91 -15.74 1.61 -6.97
N PHE A 92 -16.75 2.09 -7.70
CA PHE A 92 -17.95 2.73 -7.09
C PHE A 92 -19.23 2.01 -7.58
N THR A 93 -19.17 0.70 -7.65
CA THR A 93 -20.26 -0.15 -8.16
C THR A 93 -21.50 -0.02 -7.24
N THR A 94 -22.68 -0.33 -7.77
CA THR A 94 -23.92 -0.48 -6.97
C THR A 94 -24.24 -1.99 -6.81
N ASN A 95 -23.40 -2.85 -7.37
CA ASN A 95 -23.54 -4.32 -7.26
C ASN A 95 -23.27 -4.74 -5.82
N PRO A 96 -24.30 -5.16 -5.04
CA PRO A 96 -24.12 -5.42 -3.63
C PRO A 96 -23.28 -6.69 -3.36
N HIS A 97 -23.03 -7.49 -4.40
CA HIS A 97 -22.10 -8.63 -4.29
C HIS A 97 -20.69 -8.12 -3.95
N GLN A 98 -20.38 -6.86 -4.34
CA GLN A 98 -18.98 -6.35 -4.30
C GLN A 98 -18.89 -5.19 -3.31
N LEU A 99 -19.92 -5.01 -2.49
CA LEU A 99 -19.95 -3.94 -1.47
C LEU A 99 -19.81 -4.54 -0.07
N TRP A 100 -18.90 -4.01 0.72
CA TRP A 100 -18.52 -4.59 2.02
C TRP A 100 -18.54 -3.51 3.09
N THR A 101 -19.31 -3.73 4.14
CA THR A 101 -19.32 -2.87 5.34
C THR A 101 -18.23 -3.36 6.30
N ILE A 102 -17.30 -2.51 6.61
CA ILE A 102 -16.07 -2.88 7.36
C ILE A 102 -15.98 -1.99 8.61
N LYS A 103 -16.17 -2.59 9.78
CA LYS A 103 -16.22 -1.87 11.09
CA LYS A 103 -16.15 -1.85 11.07
C LYS A 103 -15.43 -2.67 12.13
N LYS A 104 -14.97 -2.02 13.16
CA LYS A 104 -14.17 -2.63 14.22
C LYS A 104 -14.99 -3.74 14.89
N SER A 105 -14.36 -4.84 15.17
CA SER A 105 -14.91 -5.96 15.96
C SER A 105 -15.06 -5.54 17.43
N SER A 106 -15.41 -6.50 18.27
CA SER A 106 -15.63 -6.28 19.72
C SER A 106 -14.27 -6.13 20.45
N ASP A 107 -13.15 -6.44 19.76
CA ASP A 107 -11.81 -6.28 20.39
C ASP A 107 -11.24 -4.86 20.06
N GLY A 108 -11.91 -4.10 19.21
CA GLY A 108 -11.62 -2.67 18.96
C GLY A 108 -10.31 -2.47 18.15
N THR A 109 -9.67 -3.57 17.69
CA THR A 109 -8.41 -3.50 16.90
CA THR A 109 -8.40 -3.52 16.91
C THR A 109 -8.61 -4.18 15.53
N SER A 110 -9.15 -5.39 15.53
CA SER A 110 -9.52 -6.10 14.28
CA SER A 110 -9.52 -6.12 14.29
C SER A 110 -10.86 -5.60 13.76
N TYR A 111 -11.18 -5.92 12.50
CA TYR A 111 -12.43 -5.55 11.84
C TYR A 111 -13.23 -6.81 11.55
N LYS A 112 -14.52 -6.64 11.30
CA LYS A 112 -15.33 -7.63 10.58
C LYS A 112 -15.75 -7.06 9.22
N ILE A 113 -15.94 -7.94 8.26
CA ILE A 113 -16.23 -7.58 6.86
C ILE A 113 -17.57 -8.17 6.48
N GLN A 114 -18.58 -7.33 6.34
CA GLN A 114 -19.95 -7.78 6.10
C GLN A 114 -20.35 -7.45 4.66
N ASN A 115 -20.93 -8.41 3.95
CA ASN A 115 -21.45 -8.11 2.60
C ASN A 115 -22.70 -7.23 2.76
N TYR A 116 -22.74 -6.15 2.00
CA TYR A 116 -23.78 -5.10 2.15
C TYR A 116 -25.15 -5.68 1.78
N GLY A 117 -25.18 -6.60 0.82
CA GLY A 117 -26.43 -7.23 0.32
C GLY A 117 -26.91 -8.34 1.24
N SER A 118 -26.02 -9.26 1.61
CA SER A 118 -26.40 -10.53 2.30
C SER A 118 -26.45 -10.31 3.83
N LYS A 119 -25.61 -9.42 4.34
CA LYS A 119 -25.39 -9.18 5.80
C LYS A 119 -24.73 -10.41 6.42
N THR A 120 -24.03 -11.20 5.62
CA THR A 120 -23.16 -12.27 6.14
C THR A 120 -21.71 -11.78 6.10
N PHE A 121 -20.84 -12.47 6.80
CA PHE A 121 -19.51 -11.98 7.13
C PHE A 121 -18.45 -12.84 6.41
N VAL A 122 -17.32 -12.24 6.10
CA VAL A 122 -16.15 -12.95 5.55
C VAL A 122 -15.56 -13.84 6.64
N ASP A 123 -15.42 -15.12 6.36
CA ASP A 123 -15.15 -16.15 7.36
C ASP A 123 -14.06 -17.10 6.84
N LEU A 124 -12.94 -17.18 7.53
CA LEU A 124 -11.92 -18.22 7.26
C LEU A 124 -12.41 -19.56 7.81
N VAL A 125 -12.98 -20.39 6.96
CA VAL A 125 -13.84 -21.51 7.41
C VAL A 125 -13.03 -22.43 8.35
N ASN A 126 -13.53 -22.62 9.57
CA ASN A 126 -12.95 -23.56 10.57
CA ASN A 126 -12.96 -23.57 10.54
C ASN A 126 -11.64 -22.99 11.11
N GLY A 127 -11.34 -21.74 10.82
CA GLY A 127 -10.05 -21.14 11.24
C GLY A 127 -8.87 -21.91 10.66
N ASP A 128 -9.04 -22.49 9.49
CA ASP A 128 -8.03 -23.36 8.86
C ASP A 128 -6.83 -22.49 8.43
N SER A 129 -5.62 -22.84 8.90
CA SER A 129 -4.39 -22.06 8.66
C SER A 129 -3.68 -22.57 7.39
N SER A 130 -4.22 -23.60 6.76
CA SER A 130 -3.61 -24.22 5.54
CA SER A 130 -3.58 -24.22 5.57
C SER A 130 -3.54 -23.20 4.41
N ASP A 131 -2.55 -23.32 3.57
CA ASP A 131 -2.48 -22.51 2.33
C ASP A 131 -3.59 -22.96 1.37
N GLY A 132 -4.51 -22.07 1.04
CA GLY A 132 -5.61 -22.36 0.13
C GLY A 132 -6.92 -22.63 0.87
N ALA A 133 -6.93 -22.41 2.15
CA ALA A 133 -8.15 -22.63 2.97
C ALA A 133 -9.29 -21.76 2.43
N LYS A 134 -10.50 -22.32 2.38
CA LYS A 134 -11.70 -21.63 1.89
C LYS A 134 -11.98 -20.38 2.76
N ILE A 135 -12.32 -19.29 2.10
CA ILE A 135 -12.98 -18.13 2.74
C ILE A 135 -14.38 -18.00 2.16
N ALA A 136 -15.37 -17.82 3.03
CA ALA A 136 -16.78 -17.88 2.64
C ALA A 136 -17.56 -16.77 3.33
N GLY A 137 -18.69 -16.41 2.79
CA GLY A 137 -19.70 -15.66 3.51
C GLY A 137 -20.43 -16.55 4.52
N TRP A 138 -20.56 -16.08 5.75
CA TRP A 138 -21.08 -16.93 6.84
C TRP A 138 -21.95 -16.09 7.79
N THR A 139 -22.98 -16.70 8.34
CA THR A 139 -23.81 -16.07 9.38
CA THR A 139 -23.80 -16.10 9.42
C THR A 139 -22.88 -15.55 10.50
N GLY A 140 -23.23 -14.44 11.06
CA GLY A 140 -22.55 -13.95 12.26
C GLY A 140 -23.15 -12.68 12.79
N THR A 141 -22.50 -12.10 13.79
CA THR A 141 -22.96 -10.85 14.42
C THR A 141 -21.78 -9.88 14.52
N TRP A 142 -22.07 -8.62 14.73
CA TRP A 142 -21.01 -7.57 14.78
C TRP A 142 -20.17 -7.70 16.07
N ASP A 143 -20.75 -8.27 17.13
CA ASP A 143 -20.23 -8.07 18.51
C ASP A 143 -19.50 -9.37 19.00
N GLU A 144 -19.69 -10.51 18.34
CA GLU A 144 -19.20 -11.83 18.88
C GLU A 144 -17.66 -11.90 18.73
N GLY A 145 -17.02 -12.76 19.51
CA GLY A 145 -15.54 -12.85 19.60
C GLY A 145 -14.93 -13.73 18.48
N ASN A 146 -15.78 -14.50 17.77
CA ASN A 146 -15.38 -15.55 16.79
C ASN A 146 -14.20 -15.05 15.93
N PRO A 147 -12.99 -15.62 16.10
CA PRO A 147 -11.82 -15.15 15.35
C PRO A 147 -11.83 -15.58 13.86
N HIS A 148 -12.67 -16.54 13.48
CA HIS A 148 -12.86 -16.92 12.05
C HIS A 148 -13.26 -15.69 11.23
N GLN A 149 -13.92 -14.72 11.86
CA GLN A 149 -14.57 -13.60 11.15
C GLN A 149 -13.91 -12.25 11.57
N LYS A 150 -12.76 -12.30 12.19
CA LYS A 150 -12.03 -11.07 12.61
CA LYS A 150 -12.00 -11.09 12.63
C LYS A 150 -10.75 -10.93 11.77
N TRP A 151 -10.46 -9.72 11.35
CA TRP A 151 -9.44 -9.42 10.34
C TRP A 151 -8.68 -8.14 10.74
N TYR A 152 -7.38 -8.24 10.86
CA TYR A 152 -6.49 -7.05 11.02
C TYR A 152 -6.27 -6.43 9.64
N PHE A 153 -6.59 -5.15 9.52
CA PHE A 153 -6.34 -4.38 8.27
C PHE A 153 -4.98 -3.68 8.41
N ASN A 154 -3.93 -4.37 8.02
CA ASN A 154 -2.54 -3.89 8.07
C ASN A 154 -2.32 -2.86 6.94
N ARG A 155 -2.21 -1.60 7.28
CA ARG A 155 -2.23 -0.49 6.29
C ARG A 155 -0.86 -0.41 5.58
N MET A 156 -0.87 -0.51 4.25
CA MET A 156 0.37 -0.63 3.43
C MET A 156 0.62 0.70 2.68
N SER A 157 -0.35 1.63 2.75
CA SER A 157 -0.29 2.90 1.96
C SER A 157 -0.27 4.11 2.91
N VAL A 158 0.20 5.24 2.43
CA VAL A 158 0.01 6.56 3.12
C VAL A 158 -0.82 7.49 2.23
N SER A 159 -1.56 8.40 2.84
CA SER A 159 -2.13 9.56 2.13
C SER A 159 -1.00 10.55 1.82
N SER A 160 -1.27 11.50 0.96
CA SER A 160 -0.34 12.63 0.73
C SER A 160 -0.17 13.45 2.03
N ALA A 161 -1.23 13.54 2.84
CA ALA A 161 -1.18 14.28 4.13
C ALA A 161 -0.22 13.57 5.09
N GLU A 162 -0.23 12.25 5.12
CA GLU A 162 0.63 11.46 6.01
CA GLU A 162 0.67 11.42 5.98
C GLU A 162 2.11 11.57 5.52
N ALA A 163 2.33 11.60 4.20
CA ALA A 163 3.68 11.73 3.62
C ALA A 163 4.23 13.13 3.92
N GLN A 164 3.38 14.13 3.83
CA GLN A 164 3.75 15.53 4.13
CA GLN A 164 3.70 15.55 4.15
C GLN A 164 4.14 15.66 5.62
N ALA A 165 3.42 14.97 6.50
CA ALA A 165 3.70 15.03 7.95
C ALA A 165 5.05 14.36 8.25
N ALA A 166 5.35 13.26 7.57
CA ALA A 166 6.62 12.53 7.76
C ALA A 166 7.81 13.44 7.37
N ILE A 167 7.70 14.15 6.25
CA ILE A 167 8.74 15.11 5.79
C ILE A 167 8.88 16.23 6.83
N ALA A 168 7.76 16.74 7.33
CA ALA A 168 7.75 17.99 8.13
C ALA A 168 8.44 17.76 9.48
N ARG A 169 8.46 16.52 9.96
CA ARG A 169 9.04 16.18 11.30
CA ARG A 169 9.03 16.19 11.30
C ARG A 169 10.48 15.68 11.12
N ASN A 170 11.01 15.76 9.91
CA ASN A 170 12.42 15.40 9.66
C ASN A 170 13.32 16.55 10.09
N PRO A 171 14.50 16.26 10.66
CA PRO A 171 15.40 17.33 11.15
C PRO A 171 16.31 17.92 10.05
N HIS A 172 16.21 17.42 8.81
CA HIS A 172 17.11 17.84 7.69
C HIS A 172 16.30 18.54 6.58
N ILE A 173 15.41 19.43 6.97
CA ILE A 173 14.60 20.23 6.03
C ILE A 173 15.07 21.70 6.10
N HIS A 174 15.36 22.30 4.98
CA HIS A 174 15.85 23.70 4.92
C HIS A 174 14.70 24.65 5.28
N GLY A 175 15.04 25.83 5.78
CA GLY A 175 14.05 26.88 6.10
C GLY A 175 13.21 27.28 4.90
N THR A 176 13.76 27.14 3.68
CA THR A 176 13.11 27.63 2.43
C THR A 176 12.32 26.50 1.74
N TYR A 177 12.23 25.35 2.39
CA TYR A 177 11.66 24.11 1.77
C TYR A 177 10.29 24.40 1.15
N ARG A 178 10.06 23.89 -0.07
CA ARG A 178 8.71 23.77 -0.66
CA ARG A 178 8.72 23.78 -0.66
C ARG A 178 8.51 22.35 -1.16
N GLY A 179 7.35 21.79 -0.91
CA GLY A 179 6.99 20.43 -1.38
C GLY A 179 5.92 20.47 -2.44
N TYR A 180 5.99 19.58 -3.40
CA TYR A 180 4.99 19.53 -4.51
C TYR A 180 4.43 18.12 -4.60
N ILE A 181 3.21 17.97 -4.17
CA ILE A 181 2.50 16.67 -4.10
C ILE A 181 1.92 16.33 -5.48
N LEU A 182 2.03 15.08 -5.91
CA LEU A 182 1.69 14.69 -7.30
C LEU A 182 0.44 13.79 -7.30
N ASP A 183 0.22 13.02 -6.23
CA ASP A 183 -0.86 12.00 -6.17
C ASP A 183 -1.50 12.01 -4.77
N GLY A 184 -2.37 11.06 -4.49
CA GLY A 184 -3.27 11.11 -3.30
C GLY A 184 -2.93 10.02 -2.29
N GLU A 185 -2.68 8.80 -2.79
CA GLU A 185 -2.51 7.60 -1.93
C GLU A 185 -1.37 6.75 -2.47
N TYR A 186 -0.42 6.41 -1.62
CA TYR A 186 0.86 5.80 -2.06
C TYR A 186 1.07 4.45 -1.37
N LEU A 187 1.39 3.43 -2.15
CA LEU A 187 1.94 2.17 -1.61
C LEU A 187 3.38 2.43 -1.13
N VAL A 188 3.64 2.12 0.13
CA VAL A 188 4.98 2.24 0.73
C VAL A 188 5.73 0.95 0.49
N LEU A 189 6.88 1.03 -0.11
CA LEU A 189 7.70 -0.16 -0.42
C LEU A 189 8.58 -0.50 0.78
N PRO A 190 8.74 -1.79 1.12
CA PRO A 190 9.91 -2.23 1.86
C PRO A 190 11.18 -1.82 1.14
N ASN A 191 12.23 -1.50 1.88
CA ASN A 191 13.54 -1.17 1.30
C ASN A 191 13.99 -2.31 0.35
N ALA A 192 13.68 -3.55 0.69
CA ALA A 192 14.11 -4.70 -0.14
C ALA A 192 13.56 -4.54 -1.56
N THR A 193 12.32 -4.06 -1.68
CA THR A 193 11.66 -3.89 -3.00
C THR A 193 12.19 -2.61 -3.67
N PHE A 194 12.26 -1.52 -2.93
CA PHE A 194 12.86 -0.25 -3.42
C PHE A 194 14.26 -0.51 -4.03
N THR A 195 15.06 -1.32 -3.34
CA THR A 195 16.42 -1.70 -3.79
C THR A 195 16.33 -2.51 -5.09
N GLN A 196 15.42 -3.47 -5.15
CA GLN A 196 15.27 -4.35 -6.33
C GLN A 196 14.92 -3.48 -7.57
N ILE A 197 14.03 -2.50 -7.41
CA ILE A 197 13.66 -1.58 -8.53
C ILE A 197 14.91 -0.80 -8.95
N TRP A 198 15.69 -0.34 -8.01
CA TRP A 198 16.97 0.38 -8.31
C TRP A 198 17.91 -0.58 -9.08
N LYS A 199 18.06 -1.78 -8.61
CA LYS A 199 18.99 -2.78 -9.22
C LYS A 199 18.54 -3.08 -10.67
N ASP A 200 17.25 -3.14 -10.89
CA ASP A 200 16.69 -3.55 -12.20
C ASP A 200 16.61 -2.33 -13.14
N SER A 201 16.87 -1.12 -12.62
CA SER A 201 16.75 0.16 -13.40
C SER A 201 17.93 0.32 -14.34
N GLY A 202 19.06 -0.25 -13.97
CA GLY A 202 20.34 -0.03 -14.67
C GLY A 202 21.15 1.12 -14.05
N LEU A 203 20.63 1.76 -13.02
CA LEU A 203 21.31 2.92 -12.39
C LEU A 203 22.59 2.46 -11.69
N PRO A 204 22.66 1.24 -11.11
CA PRO A 204 23.87 0.81 -10.40
C PRO A 204 25.13 0.88 -11.32
N GLY A 205 24.92 0.69 -12.60
CA GLY A 205 25.99 0.71 -13.61
C GLY A 205 26.29 2.12 -14.16
N SER A 206 25.41 3.09 -13.88
CA SER A 206 25.56 4.46 -14.44
C SER A 206 26.72 5.22 -13.74
N LYS A 207 27.50 5.97 -14.51
CA LYS A 207 28.64 6.78 -13.99
C LYS A 207 28.20 8.23 -13.84
N TRP A 208 28.63 8.89 -12.78
CA TRP A 208 28.50 10.35 -12.62
C TRP A 208 29.26 11.06 -13.75
N ARG A 209 28.62 12.00 -14.39
CA ARG A 209 29.25 12.87 -15.42
C ARG A 209 28.75 14.30 -15.23
N GLU A 210 29.65 15.28 -15.31
CA GLU A 210 29.38 16.71 -15.02
CA GLU A 210 29.35 16.69 -14.99
C GLU A 210 28.21 17.17 -15.89
N GLN A 211 27.07 17.53 -15.25
CA GLN A 211 25.82 18.10 -15.86
C GLN A 211 25.04 17.02 -16.66
N ILE A 212 25.72 16.26 -17.52
CA ILE A 212 25.04 15.41 -18.55
C ILE A 212 24.45 14.14 -17.87
N TYR A 213 25.02 13.69 -16.77
CA TYR A 213 24.36 12.63 -15.93
C TYR A 213 24.86 12.74 -14.50
N ASP A 214 24.42 13.77 -13.83
CA ASP A 214 24.87 14.07 -12.46
C ASP A 214 23.69 13.79 -11.50
N ALA A 215 23.74 14.29 -10.29
CA ALA A 215 22.83 13.81 -9.21
C ALA A 215 21.36 13.94 -9.67
N ASP A 216 20.99 15.06 -10.30
CA ASP A 216 19.58 15.30 -10.67
C ASP A 216 19.11 14.24 -11.69
N ASP A 217 20.01 13.76 -12.55
CA ASP A 217 19.66 12.72 -13.55
C ASP A 217 19.41 11.37 -12.81
N PHE A 218 20.24 11.04 -11.84
CA PHE A 218 20.09 9.77 -11.06
C PHE A 218 18.75 9.80 -10.31
N ALA A 219 18.45 10.89 -9.64
CA ALA A 219 17.25 11.00 -8.77
C ALA A 219 15.99 10.93 -9.63
N ILE A 220 15.97 11.61 -10.77
CA ILE A 220 14.79 11.62 -11.66
C ILE A 220 14.65 10.22 -12.33
N ALA A 221 15.78 9.59 -12.70
CA ALA A 221 15.75 8.24 -13.31
C ALA A 221 15.16 7.23 -12.31
N MET A 222 15.49 7.36 -11.04
CA MET A 222 14.99 6.42 -10.01
C MET A 222 13.47 6.64 -9.81
N LYS A 223 13.01 7.87 -9.82
CA LYS A 223 11.57 8.14 -9.70
CA LYS A 223 11.56 8.18 -9.73
C LYS A 223 10.84 7.56 -10.93
N ALA A 224 11.38 7.78 -12.11
CA ALA A 224 10.77 7.24 -13.35
C ALA A 224 10.72 5.70 -13.27
N ALA A 225 11.77 5.07 -12.79
CA ALA A 225 11.86 3.59 -12.71
C ALA A 225 10.76 3.06 -11.76
N VAL A 226 10.52 3.76 -10.65
CA VAL A 226 9.51 3.30 -9.66
C VAL A 226 8.10 3.55 -10.23
N GLY A 227 7.93 4.64 -10.98
CA GLY A 227 6.66 4.88 -11.69
C GLY A 227 6.37 3.79 -12.71
N LYS A 228 7.37 3.43 -13.49
CA LYS A 228 7.22 2.40 -14.54
C LYS A 228 6.89 1.05 -13.85
N TRP A 229 7.59 0.73 -12.79
CA TRP A 229 7.39 -0.53 -12.05
C TRP A 229 5.96 -0.59 -11.50
N GLY A 230 5.44 0.52 -11.00
CA GLY A 230 4.06 0.59 -10.49
C GLY A 230 3.05 0.22 -11.56
N ALA A 231 3.16 0.85 -12.70
CA ALA A 231 2.19 0.63 -13.78
C ALA A 231 2.32 -0.81 -14.33
N ASP A 232 3.54 -1.30 -14.44
CA ASP A 232 3.82 -2.60 -15.09
C ASP A 232 3.44 -3.75 -14.14
N SER A 233 3.43 -3.49 -12.84
CA SER A 233 3.35 -4.58 -11.81
C SER A 233 1.90 -4.82 -11.42
N TRP A 234 1.08 -3.74 -11.38
CA TRP A 234 -0.28 -3.76 -10.75
C TRP A 234 -1.33 -3.44 -11.79
N LYS A 235 -2.50 -4.03 -11.68
CA LYS A 235 -3.61 -3.83 -12.65
C LYS A 235 -4.66 -2.88 -12.06
N ALA A 236 -4.72 -2.75 -10.73
CA ALA A 236 -5.65 -1.80 -10.09
C ALA A 236 -5.23 -0.35 -10.43
N ASN A 237 -6.16 0.58 -10.29
CA ASN A 237 -5.92 2.03 -10.47
C ASN A 237 -6.33 2.75 -9.18
N GLY A 238 -5.90 4.00 -9.03
CA GLY A 238 -6.35 4.87 -7.93
C GLY A 238 -5.36 4.90 -6.80
N PHE A 239 -4.11 4.60 -7.07
CA PHE A 239 -3.00 4.76 -6.12
C PHE A 239 -1.69 4.99 -6.90
N ALA A 240 -0.65 5.39 -6.19
CA ALA A 240 0.71 5.53 -6.74
C ALA A 240 1.70 4.79 -5.84
N ILE A 241 2.93 4.66 -6.29
CA ILE A 241 4.03 4.09 -5.47
C ILE A 241 4.80 5.24 -4.84
N PHE A 242 5.16 5.12 -3.58
CA PHE A 242 5.89 6.20 -2.91
C PHE A 242 7.38 6.17 -3.33
N CYS A 243 7.83 7.27 -3.93
CA CYS A 243 9.24 7.53 -4.22
C CYS A 243 9.42 9.04 -4.44
N GLY A 244 10.12 9.68 -3.58
CA GLY A 244 10.29 11.15 -3.65
C GLY A 244 11.59 11.55 -4.29
N VAL A 245 11.62 12.73 -4.90
CA VAL A 245 12.86 13.41 -5.30
C VAL A 245 13.05 14.61 -4.39
N MET A 246 14.24 14.81 -3.89
CA MET A 246 14.58 16.03 -3.11
C MET A 246 15.80 16.72 -3.74
N LEU A 247 15.80 18.04 -3.71
CA LEU A 247 17.01 18.86 -3.83
C LEU A 247 17.40 19.38 -2.44
N GLY A 248 18.68 19.35 -2.13
CA GLY A 248 19.19 19.74 -0.83
C GLY A 248 20.43 20.62 -0.95
N VAL A 249 20.70 21.38 0.11
CA VAL A 249 21.85 22.31 0.22
C VAL A 249 22.61 21.98 1.51
N ASN A 250 23.94 22.02 1.46
CA ASN A 250 24.79 21.66 2.64
C ASN A 250 24.76 22.81 3.68
N LYS A 251 25.29 22.54 4.87
CA LYS A 251 25.30 23.48 6.02
C LYS A 251 25.87 24.82 5.58
N ALA A 252 26.97 24.79 4.83
CA ALA A 252 27.76 25.98 4.45
C ALA A 252 26.98 26.80 3.39
N GLY A 253 26.01 26.19 2.74
CA GLY A 253 25.13 26.85 1.75
C GLY A 253 25.84 27.07 0.41
N ASP A 254 26.85 26.25 0.11
CA ASP A 254 27.71 26.49 -1.08
C ASP A 254 27.83 25.20 -1.92
N ALA A 255 27.02 24.18 -1.63
CA ALA A 255 26.90 22.96 -2.50
C ALA A 255 25.49 22.37 -2.39
N ALA A 256 24.95 21.88 -3.51
CA ALA A 256 23.61 21.27 -3.54
C ALA A 256 23.68 19.87 -4.18
N HIS A 257 22.68 19.06 -3.94
CA HIS A 257 22.67 17.64 -4.30
C HIS A 257 21.24 17.21 -4.55
N ALA A 258 21.04 16.20 -5.39
CA ALA A 258 19.70 15.63 -5.65
C ALA A 258 19.69 14.15 -5.26
N TYR A 259 18.62 13.71 -4.68
CA TYR A 259 18.52 12.35 -4.12
C TYR A 259 17.05 11.97 -3.99
N ASN A 260 16.80 10.77 -3.50
CA ASN A 260 15.45 10.25 -3.37
C ASN A 260 15.13 10.07 -1.88
N PHE A 261 13.91 9.79 -1.57
CA PHE A 261 13.53 9.39 -0.21
C PHE A 261 12.34 8.43 -0.25
N THR A 262 12.22 7.66 0.81
CA THR A 262 11.15 6.68 1.01
C THR A 262 10.66 6.86 2.45
N LEU A 263 9.82 5.96 2.92
CA LEU A 263 9.22 6.06 4.28
CA LEU A 263 9.18 6.04 4.27
C LEU A 263 9.62 4.84 5.11
N THR A 264 9.72 5.03 6.41
CA THR A 264 9.95 3.94 7.39
C THR A 264 8.76 2.96 7.36
N LYS A 265 8.92 1.80 7.99
CA LYS A 265 7.86 0.74 8.12
C LYS A 265 6.63 1.34 8.80
N ASP A 266 6.83 2.18 9.81
CA ASP A 266 5.73 2.71 10.66
C ASP A 266 5.12 3.94 9.98
N HIS A 267 5.65 4.34 8.81
CA HIS A 267 5.05 5.39 7.95
C HIS A 267 5.22 6.79 8.60
N ALA A 268 5.98 6.88 9.66
CA ALA A 268 6.03 8.12 10.49
C ALA A 268 7.13 9.07 9.99
N ASP A 269 8.19 8.50 9.39
CA ASP A 269 9.45 9.25 9.09
C ASP A 269 9.88 8.98 7.66
N ILE A 270 10.70 9.87 7.09
CA ILE A 270 11.32 9.60 5.76
C ILE A 270 12.74 9.08 5.96
N VAL A 271 13.25 8.40 4.96
CA VAL A 271 14.61 7.92 4.88
C VAL A 271 15.17 8.33 3.51
N PHE A 272 16.36 8.86 3.48
CA PHE A 272 16.99 9.33 2.23
C PHE A 272 17.58 8.13 1.48
N PHE A 273 17.54 8.18 0.16
CA PHE A 273 18.11 7.13 -0.71
C PHE A 273 19.05 7.76 -1.72
N GLU A 274 20.28 7.28 -1.77
CA GLU A 274 21.32 7.79 -2.68
C GLU A 274 21.33 6.95 -3.97
N PRO A 275 20.71 7.42 -5.06
CA PRO A 275 20.57 6.59 -6.27
C PRO A 275 21.92 6.33 -6.98
N GLN A 276 22.98 6.96 -6.52
CA GLN A 276 24.32 6.73 -7.12
C GLN A 276 25.00 5.50 -6.46
N ASN A 277 24.45 4.96 -5.36
CA ASN A 277 25.13 3.81 -4.69
C ASN A 277 24.14 2.94 -3.90
N GLY A 278 22.86 3.26 -3.94
CA GLY A 278 21.80 2.39 -3.37
C GLY A 278 21.80 2.41 -1.84
N GLY A 279 22.47 3.39 -1.24
CA GLY A 279 22.54 3.55 0.22
C GLY A 279 21.28 4.21 0.78
N TYR A 280 20.83 3.77 1.95
CA TYR A 280 19.79 4.44 2.75
C TYR A 280 20.45 5.20 3.89
N LEU A 281 20.04 6.43 4.12
CA LEU A 281 20.69 7.31 5.11
CA LEU A 281 20.69 7.33 5.11
C LEU A 281 19.62 8.07 5.91
N ASN A 282 19.86 8.26 7.20
CA ASN A 282 19.03 9.16 8.04
C ASN A 282 19.55 10.60 7.91
N ASP A 283 20.79 10.74 7.46
CA ASP A 283 21.44 12.06 7.22
C ASP A 283 22.30 11.96 5.97
N ILE A 284 21.91 12.66 4.90
CA ILE A 284 22.62 12.54 3.58
C ILE A 284 23.54 13.75 3.40
N GLY A 285 23.67 14.60 4.43
CA GLY A 285 24.63 15.72 4.44
C GLY A 285 24.08 16.96 3.75
N TYR A 286 22.79 16.97 3.46
CA TYR A 286 22.11 18.11 2.82
C TYR A 286 20.76 18.34 3.49
N ASP A 287 20.30 19.58 3.51
CA ASP A 287 18.95 19.94 3.97
C ASP A 287 18.07 20.22 2.76
N SER A 288 16.92 19.57 2.68
CA SER A 288 16.05 19.63 1.49
CA SER A 288 16.03 19.65 1.48
C SER A 288 15.41 21.03 1.36
N TYR A 289 15.49 21.62 0.18
CA TYR A 289 14.82 22.92 -0.10
C TYR A 289 13.68 22.71 -1.11
N MET A 290 13.59 21.52 -1.69
CA MET A 290 12.47 21.19 -2.59
C MET A 290 12.30 19.67 -2.65
N ALA A 291 11.07 19.23 -2.71
CA ALA A 291 10.71 17.83 -2.94
C ALA A 291 9.53 17.75 -3.88
N PHE A 292 9.48 16.74 -4.70
CA PHE A 292 8.22 16.34 -5.33
C PHE A 292 8.05 14.82 -5.20
N TYR A 293 6.84 14.41 -4.96
CA TYR A 293 6.51 13.01 -4.61
C TYR A 293 5.04 12.79 -4.87
N PRO B 1 23.36 27.40 -4.61
CA PRO B 1 24.02 26.72 -5.77
C PRO B 1 23.07 25.76 -6.53
N VAL B 2 23.62 24.94 -7.39
CA VAL B 2 22.86 24.10 -8.34
CA VAL B 2 22.86 24.10 -8.34
C VAL B 2 23.21 22.63 -8.08
N PRO B 3 22.21 21.72 -8.06
CA PRO B 3 22.45 20.33 -7.62
C PRO B 3 23.44 19.60 -8.53
N ARG B 4 24.37 18.91 -7.92
CA ARG B 4 25.40 18.12 -8.66
CA ARG B 4 25.48 18.19 -8.57
C ARG B 4 25.58 16.78 -7.94
C1 GAL C . 1.89 -17.77 -5.27
C2 GAL C . 2.55 -16.79 -4.29
C3 GAL C . 2.08 -17.03 -2.87
C4 GAL C . 0.56 -17.07 -2.81
C5 GAL C . 0.03 -18.06 -3.85
C6 GAL C . -1.48 -18.20 -3.86
O1 GAL C . 2.27 -17.41 -6.56
O2 GAL C . 3.97 -16.96 -4.37
O3 GAL C . 2.66 -15.99 -1.99
O4 GAL C . 0.02 -15.75 -3.05
O5 GAL C . 0.49 -17.67 -5.16
O6 GAL C . -2.10 -17.06 -4.50
C1 FUC C . 4.86 -15.99 -4.09
C2 FUC C . 6.27 -16.53 -4.32
C3 FUC C . 6.53 -16.78 -5.82
C4 FUC C . 6.17 -15.57 -6.62
C5 FUC C . 4.73 -15.16 -6.34
C6 FUC C . 4.34 -13.93 -7.10
O2 FUC C . 6.42 -17.72 -3.55
O3 FUC C . 7.91 -17.13 -6.01
O4 FUC C . 7.06 -14.45 -6.29
O5 FUC C . 4.60 -14.87 -4.96
C1 GLA C . 2.44 -16.04 -0.66
C2 GLA C . 3.18 -14.96 0.15
C3 GLA C . 4.66 -15.28 0.20
C4 GLA C . 4.86 -16.71 0.68
C5 GLA C . 4.12 -17.66 -0.23
C6 GLA C . 4.30 -19.15 0.14
O2 GLA C . 2.97 -13.68 -0.45
O3 GLA C . 5.33 -14.35 1.06
O4 GLA C . 4.40 -16.84 2.06
O5 GLA C . 2.74 -17.34 -0.17
O6 GLA C . 3.57 -20.03 -0.79
C1 GLA D . -17.46 -22.40 13.51
C2 GLA D . -18.08 -21.10 14.07
C3 GLA D . -19.04 -20.49 13.08
C4 GLA D . -18.29 -20.26 11.77
C5 GLA D . -17.71 -21.56 11.28
C6 GLA D . -16.94 -21.41 9.94
O1 GLA D . -18.48 -23.35 13.31
O2 GLA D . -18.77 -21.40 15.31
O3 GLA D . -19.57 -19.27 13.61
O4 GLA D . -17.25 -19.27 11.99
O5 GLA D . -16.82 -22.13 12.25
O6 GLA D . -15.62 -20.95 10.20
C1 FUC D . -18.30 -20.73 16.42
C2 FUC D . -19.26 -20.95 17.59
C3 FUC D . -19.39 -22.44 17.91
C4 FUC D . -18.03 -23.00 18.19
C5 FUC D . -17.07 -22.69 17.03
C6 FUC D . -15.68 -23.18 17.32
O2 FUC D . -20.53 -20.41 17.27
O3 FUC D . -20.21 -22.65 19.06
O4 FUC D . -17.54 -22.43 19.40
O5 FUC D . -17.04 -21.25 16.78
C1 GLA D . -20.45 -18.55 12.96
C2 GLA D . -21.04 -17.42 13.71
C3 GLA D . -21.98 -17.95 14.80
C4 GLA D . -23.02 -18.83 14.17
C5 GLA D . -22.32 -19.92 13.35
C6 GLA D . -23.30 -20.86 12.64
O2 GLA D . -19.96 -16.65 14.29
O3 GLA D . -22.58 -16.85 15.48
O4 GLA D . -23.86 -18.05 13.31
O5 GLA D . -21.48 -19.31 12.37
O6 GLA D . -22.58 -21.90 11.95
CA CA E . 21.99 17.04 -15.06
CA CA F . 23.08 19.37 -12.05
C1 EDO G . 23.27 6.83 -18.25
O1 EDO G . 24.06 5.93 -17.49
C2 EDO G . 21.95 6.27 -18.61
O2 EDO G . 22.03 5.32 -19.65
NA NA H . -19.04 5.79 2.69
NA NA I . -14.93 -20.43 -8.75
#